data_4RJL
#
_entry.id   4RJL
#
_cell.length_a   186.250
_cell.length_b   186.250
_cell.length_c   186.250
_cell.angle_alpha   90.00
_cell.angle_beta   90.00
_cell.angle_gamma   90.00
#
_symmetry.space_group_name_H-M   'I 2 3'
#
loop_
_entity.id
_entity.type
_entity.pdbx_description
1 polymer 'Translation initiation factor 2 subunit gamma'
2 non-polymer 'MAGNESIUM ION'
3 non-polymer 'FORMIC ACID'
4 non-polymer 2,5,8,11,14,17,20,23-OCTAOXAPENTACOSAN-25-OL
5 non-polymer 'PHOSPHOMETHYLPHOSPHONIC ACID GUANYLATE ESTER'
6 non-polymer 'SODIUM ION'
7 water water
#
_entity_poly.entity_id   1
_entity_poly.type   'polypeptide(L)'
_entity_poly.pdbx_seq_one_letter_code
;MAWPKVQPEVNIGVVGHVDHGKTTLVQAITGIWTSKHSEELKRGMTIKLGYAETNIGVCESCKKPEAYVTEPSCKSCGSD
DEPKFLRRISFIDAPGHEVLMATMLSGAALMDGAILVVAANEPFPQPQTREHFVALGIIGVKNLIIVQNKVDVVSKEEAL
SQYRQIKQFTKGTWAENVPIIPVSALHKINIDSLIEGIEEYIKTPYRDLSQKPVMLVIRSFDVNKPGTQFNELKGGVIGG
SIIQGLFKVDQEIKVLPGLRVEKQGKVSYEPIFTKISSIRFGDEEFKEAKPGGLVAIGTYLDPSLTKADNLLGSIITLAD
AEVPVLWNIRIKYNLLERVVGAKEMLKVDPIRAKETLMLSVGSSTTLGIVTSVKKDEIEVELRRPVAVWSNNIRTVISRQ
IAGRWRMIGWGLVEI
;
_entity_poly.pdbx_strand_id   A
#
# COMPACT_ATOMS: atom_id res chain seq x y z
N ALA A 2 -7.02 2.41 -30.94
CA ALA A 2 -5.92 2.25 -29.98
C ALA A 2 -6.36 2.69 -28.59
N TRP A 3 -5.79 2.04 -27.57
CA TRP A 3 -6.06 2.42 -26.19
C TRP A 3 -5.16 3.58 -25.78
N PRO A 4 -5.70 4.50 -24.97
CA PRO A 4 -4.91 5.66 -24.53
C PRO A 4 -3.83 5.25 -23.55
N LYS A 5 -2.78 6.05 -23.45
CA LYS A 5 -1.73 5.81 -22.48
C LYS A 5 -1.86 6.82 -21.35
N VAL A 6 -2.47 6.37 -20.25
CA VAL A 6 -2.72 7.24 -19.11
C VAL A 6 -2.12 6.63 -17.85
N GLN A 7 -2.06 7.43 -16.78
CA GLN A 7 -1.60 6.90 -15.50
C GLN A 7 -2.68 6.00 -14.93
N PRO A 8 -2.30 5.08 -14.02
CA PRO A 8 -3.34 4.31 -13.33
C PRO A 8 -4.21 5.26 -12.51
N GLU A 9 -5.51 5.00 -12.44
CA GLU A 9 -6.42 5.90 -11.73
C GLU A 9 -6.85 5.35 -10.38
N VAL A 10 -6.37 4.16 -10.04
CA VAL A 10 -6.77 3.51 -8.80
C VAL A 10 -5.69 2.52 -8.33
N ASN A 11 -5.47 2.47 -7.02
CA ASN A 11 -4.52 1.55 -6.40
C ASN A 11 -5.25 0.43 -5.68
N ILE A 12 -4.91 -0.81 -6.00
CA ILE A 12 -5.49 -1.96 -5.31
C ILE A 12 -4.41 -2.70 -4.53
N GLY A 13 -4.56 -2.74 -3.22
CA GLY A 13 -3.61 -3.45 -2.39
C GLY A 13 -3.80 -4.94 -2.53
N VAL A 14 -2.72 -5.69 -2.37
CA VAL A 14 -2.80 -7.14 -2.35
C VAL A 14 -2.14 -7.61 -1.06
N VAL A 15 -2.95 -8.17 -0.16
CA VAL A 15 -2.48 -8.50 1.18
C VAL A 15 -2.87 -9.94 1.53
N GLY A 16 -2.40 -10.40 2.69
CA GLY A 16 -2.64 -11.78 3.10
C GLY A 16 -1.41 -12.44 3.69
N HIS A 17 -1.64 -13.60 4.29
CA HIS A 17 -0.60 -14.35 5.00
C HIS A 17 0.55 -14.76 4.09
N VAL A 18 1.72 -14.99 4.68
CA VAL A 18 2.90 -15.33 3.92
C VAL A 18 2.69 -16.56 3.02
N ASP A 19 3.14 -16.42 1.78
CA ASP A 19 3.08 -17.50 0.78
C ASP A 19 1.69 -17.90 0.28
N HIS A 20 0.67 -17.10 0.60
CA HIS A 20 -0.67 -17.43 0.12
C HIS A 20 -0.89 -17.10 -1.36
N GLY A 21 0.07 -16.39 -1.96
CA GLY A 21 0.11 -16.23 -3.40
C GLY A 21 -0.16 -14.83 -3.95
N LYS A 22 0.13 -13.81 -3.15
CA LYS A 22 -0.14 -12.42 -3.53
C LYS A 22 0.58 -11.99 -4.82
N THR A 23 1.89 -12.21 -4.85
CA THR A 23 2.71 -11.77 -5.98
C THR A 23 2.36 -12.54 -7.24
N THR A 24 2.10 -13.83 -7.09
CA THR A 24 1.67 -14.65 -8.23
C THR A 24 0.32 -14.18 -8.77
N LEU A 25 -0.56 -13.72 -7.88
CA LEU A 25 -1.85 -13.19 -8.31
C LEU A 25 -1.67 -11.90 -9.11
N VAL A 26 -0.81 -11.02 -8.59
CA VAL A 26 -0.51 -9.79 -9.32
C VAL A 26 0.06 -10.12 -10.71
N GLN A 27 0.91 -11.14 -10.77
CA GLN A 27 1.46 -11.59 -12.05
C GLN A 27 0.37 -12.12 -12.99
N ALA A 28 -0.58 -12.88 -12.43
CA ALA A 28 -1.66 -13.46 -13.22
C ALA A 28 -2.50 -12.35 -13.83
N ILE A 29 -2.69 -11.27 -13.09
CA ILE A 29 -3.48 -10.15 -13.60
C ILE A 29 -2.72 -9.26 -14.59
N THR A 30 -1.48 -8.93 -14.27
CA THR A 30 -0.73 -7.90 -14.99
C THR A 30 0.37 -8.42 -15.90
N GLY A 31 0.80 -9.66 -15.68
CA GLY A 31 1.91 -10.24 -16.41
C GLY A 31 3.27 -9.85 -15.83
N ILE A 32 3.24 -9.11 -14.72
CA ILE A 32 4.45 -8.58 -14.11
C ILE A 32 4.75 -9.25 -12.77
N TRP A 33 6.01 -9.60 -12.56
CA TRP A 33 6.47 -10.08 -11.25
C TRP A 33 7.03 -8.89 -10.46
N THR A 34 6.41 -8.58 -9.33
CA THR A 34 6.72 -7.35 -8.60
C THR A 34 8.06 -7.35 -7.85
N SER A 35 8.58 -8.52 -7.53
CA SER A 35 9.83 -8.60 -6.78
C SER A 35 11.01 -8.22 -7.66
N LYS A 36 11.62 -7.07 -7.37
CA LYS A 36 12.71 -6.55 -8.20
C LYS A 36 14.07 -6.66 -7.52
N HIS A 37 14.07 -6.72 -6.19
CA HIS A 37 15.32 -6.73 -5.43
C HIS A 37 15.96 -8.12 -5.37
N SER A 38 17.29 -8.14 -5.36
CA SER A 38 18.05 -9.38 -5.38
C SER A 38 17.76 -10.27 -4.17
N GLU A 39 17.58 -9.65 -3.01
CA GLU A 39 17.29 -10.40 -1.80
C GLU A 39 15.92 -11.06 -1.85
N GLU A 40 14.97 -10.35 -2.45
CA GLU A 40 13.63 -10.88 -2.64
C GLU A 40 13.64 -12.10 -3.54
N LEU A 41 14.40 -12.02 -4.63
CA LEU A 41 14.49 -13.12 -5.59
C LEU A 41 15.25 -14.30 -5.00
N LYS A 42 16.28 -14.00 -4.22
CA LYS A 42 17.08 -15.05 -3.59
C LYS A 42 16.28 -15.81 -2.54
N ARG A 43 15.59 -15.07 -1.68
CA ARG A 43 14.86 -15.67 -0.57
C ARG A 43 13.46 -16.12 -0.98
N GLY A 44 13.03 -15.69 -2.17
CA GLY A 44 11.71 -16.05 -2.67
C GLY A 44 10.59 -15.47 -1.83
N MET A 45 10.66 -14.17 -1.58
CA MET A 45 9.66 -13.49 -0.78
C MET A 45 9.60 -12.01 -1.12
N THR A 46 8.45 -11.40 -0.85
CA THR A 46 8.32 -9.96 -0.98
C THR A 46 8.85 -9.32 0.30
N ILE A 47 9.68 -8.29 0.15
CA ILE A 47 10.22 -7.59 1.31
C ILE A 47 9.77 -6.12 1.30
N LYS A 48 10.09 -5.42 0.22
CA LYS A 48 9.59 -4.07 0.02
C LYS A 48 8.29 -4.15 -0.75
N LEU A 49 7.50 -3.07 -0.69
CA LEU A 49 6.25 -3.03 -1.44
C LEU A 49 6.48 -3.23 -2.92
N GLY A 50 5.71 -4.13 -3.53
CA GLY A 50 5.78 -4.39 -4.94
C GLY A 50 4.74 -3.59 -5.71
N TYR A 51 4.93 -3.47 -7.02
CA TYR A 51 4.06 -2.62 -7.83
C TYR A 51 3.92 -3.16 -9.25
N ALA A 52 2.69 -3.08 -9.77
CA ALA A 52 2.43 -3.46 -11.16
C ALA A 52 1.17 -2.77 -11.68
N GLU A 53 1.18 -2.47 -12.98
CA GLU A 53 0.04 -1.80 -13.61
C GLU A 53 -0.57 -2.67 -14.70
N THR A 54 -1.84 -2.42 -15.00
CA THR A 54 -2.46 -2.99 -16.19
C THR A 54 -3.66 -2.17 -16.64
N ASN A 55 -3.86 -2.13 -17.96
CA ASN A 55 -5.09 -1.60 -18.50
C ASN A 55 -6.20 -2.60 -18.29
N ILE A 56 -7.43 -2.12 -18.17
CA ILE A 56 -8.60 -2.99 -18.09
C ILE A 56 -9.58 -2.55 -19.17
N GLY A 57 -10.09 -3.52 -19.92
CA GLY A 57 -11.06 -3.24 -20.96
C GLY A 57 -12.16 -4.27 -20.98
N VAL A 58 -13.16 -4.06 -21.83
CA VAL A 58 -14.25 -5.02 -21.93
C VAL A 58 -14.72 -5.17 -23.37
N CYS A 59 -14.87 -6.42 -23.81
CA CYS A 59 -15.42 -6.70 -25.12
C CYS A 59 -16.93 -6.66 -25.03
N GLU A 60 -17.52 -5.57 -25.52
CA GLU A 60 -18.93 -5.27 -25.29
C GLU A 60 -19.90 -6.25 -25.93
N SER A 61 -19.46 -6.93 -26.99
CA SER A 61 -20.32 -7.87 -27.70
CA SER A 61 -20.32 -7.87 -27.70
C SER A 61 -20.15 -9.30 -27.18
N CYS A 62 -19.32 -9.47 -26.16
CA CYS A 62 -19.05 -10.79 -25.62
C CYS A 62 -19.66 -11.01 -24.24
N LYS A 63 -19.70 -12.26 -23.81
CA LYS A 63 -20.30 -12.60 -22.52
C LYS A 63 -19.29 -12.47 -21.38
N LYS A 64 -19.76 -11.93 -20.26
CA LYS A 64 -18.95 -11.78 -19.06
C LYS A 64 -18.94 -13.08 -18.27
N PRO A 65 -17.87 -13.33 -17.48
CA PRO A 65 -16.74 -12.43 -17.22
C PRO A 65 -15.63 -12.50 -18.27
N GLU A 66 -15.71 -13.45 -19.19
CA GLU A 66 -14.65 -13.63 -20.19
C GLU A 66 -14.43 -12.38 -21.05
N ALA A 67 -15.46 -11.55 -21.16
CA ALA A 67 -15.39 -10.33 -21.95
C ALA A 67 -14.36 -9.33 -21.42
N TYR A 68 -14.05 -9.42 -20.13
CA TYR A 68 -13.05 -8.53 -19.53
C TYR A 68 -11.64 -8.93 -19.96
N VAL A 69 -10.86 -7.94 -20.36
CA VAL A 69 -9.51 -8.18 -20.87
C VAL A 69 -8.51 -7.22 -20.26
N THR A 70 -7.24 -7.57 -20.35
CA THR A 70 -6.16 -6.71 -19.85
C THR A 70 -5.25 -6.26 -21.00
N GLU A 71 -5.76 -6.40 -22.22
CA GLU A 71 -5.04 -5.99 -23.42
C GLU A 71 -6.06 -5.70 -24.51
N PRO A 72 -5.70 -4.84 -25.48
CA PRO A 72 -6.68 -4.43 -26.50
C PRO A 72 -6.96 -5.53 -27.54
N SER A 73 -7.61 -6.61 -27.12
CA SER A 73 -7.95 -7.68 -28.04
C SER A 73 -9.23 -8.41 -27.59
N CYS A 74 -10.08 -8.73 -28.56
CA CYS A 74 -11.30 -9.49 -28.29
C CYS A 74 -11.29 -10.81 -29.06
N LYS A 75 -10.13 -11.19 -29.57
CA LYS A 75 -10.01 -12.41 -30.35
C LYS A 75 -10.33 -13.66 -29.54
N SER A 76 -10.21 -13.56 -28.22
CA SER A 76 -10.51 -14.68 -27.34
C SER A 76 -12.00 -14.98 -27.28
N CYS A 77 -12.82 -14.03 -27.75
CA CYS A 77 -14.26 -14.26 -27.84
C CYS A 77 -14.77 -14.14 -29.28
N GLY A 78 -13.85 -14.31 -30.22
CA GLY A 78 -14.21 -14.39 -31.63
C GLY A 78 -14.46 -13.07 -32.33
N SER A 79 -14.16 -11.97 -31.64
CA SER A 79 -14.39 -10.65 -32.21
C SER A 79 -13.09 -10.00 -32.68
N ASP A 80 -13.15 -9.34 -33.83
CA ASP A 80 -12.01 -8.61 -34.37
C ASP A 80 -12.03 -7.16 -33.91
N ASP A 81 -13.13 -6.76 -33.28
CA ASP A 81 -13.28 -5.40 -32.79
C ASP A 81 -12.37 -5.14 -31.60
N GLU A 82 -12.01 -3.88 -31.40
CA GLU A 82 -11.22 -3.48 -30.25
C GLU A 82 -12.12 -3.39 -29.02
N PRO A 83 -11.65 -3.89 -27.88
CA PRO A 83 -12.44 -3.78 -26.65
C PRO A 83 -12.53 -2.33 -26.18
N LYS A 84 -13.58 -2.01 -25.44
CA LYS A 84 -13.75 -0.69 -24.86
C LYS A 84 -12.78 -0.53 -23.69
N PHE A 85 -11.96 0.52 -23.74
CA PHE A 85 -11.06 0.83 -22.64
C PHE A 85 -11.86 1.31 -21.44
N LEU A 86 -11.61 0.73 -20.28
CA LEU A 86 -12.32 1.12 -19.06
C LEU A 86 -11.46 2.04 -18.21
N ARG A 87 -10.30 1.55 -17.79
CA ARG A 87 -9.39 2.32 -16.95
C ARG A 87 -8.06 1.59 -16.82
N ARG A 88 -7.03 2.31 -16.38
CA ARG A 88 -5.77 1.66 -16.01
C ARG A 88 -5.74 1.55 -14.49
N ILE A 89 -5.35 0.38 -14.00
CA ILE A 89 -5.29 0.15 -12.56
C ILE A 89 -3.88 -0.25 -12.15
N SER A 90 -3.60 -0.17 -10.85
CA SER A 90 -2.31 -0.59 -10.35
C SER A 90 -2.45 -1.35 -9.03
N PHE A 91 -1.44 -2.15 -8.72
CA PHE A 91 -1.45 -2.96 -7.52
C PHE A 91 -0.29 -2.61 -6.59
N ILE A 92 -0.60 -2.50 -5.31
CA ILE A 92 0.41 -2.39 -4.27
C ILE A 92 0.52 -3.75 -3.61
N ASP A 93 1.63 -4.43 -3.87
CA ASP A 93 1.83 -5.82 -3.46
C ASP A 93 2.58 -5.87 -2.12
N ALA A 94 1.87 -6.24 -1.06
CA ALA A 94 2.43 -6.19 0.29
C ALA A 94 3.09 -7.50 0.70
N PRO A 95 4.14 -7.42 1.53
CA PRO A 95 4.76 -8.65 2.07
C PRO A 95 3.85 -9.32 3.08
N GLY A 96 3.86 -10.65 3.10
CA GLY A 96 3.01 -11.40 4.02
C GLY A 96 3.70 -11.76 5.33
N HIS A 97 5.02 -11.76 5.35
CA HIS A 97 5.76 -12.20 6.53
C HIS A 97 5.40 -11.36 7.74
N GLU A 98 5.23 -12.00 8.89
CA GLU A 98 4.83 -11.28 10.10
C GLU A 98 5.81 -10.20 10.57
N VAL A 99 7.09 -10.41 10.26
CA VAL A 99 8.14 -9.49 10.67
C VAL A 99 8.05 -8.22 9.81
N LEU A 100 7.30 -8.29 8.72
CA LEU A 100 7.19 -7.15 7.80
C LEU A 100 5.82 -6.47 7.88
N MET A 101 5.08 -6.71 8.96
CA MET A 101 3.77 -6.07 9.13
C MET A 101 3.78 -4.55 8.90
N ALA A 102 4.80 -3.88 9.45
CA ALA A 102 4.92 -2.44 9.28
C ALA A 102 4.96 -1.97 7.85
N THR A 103 5.49 -2.82 6.98
CA THR A 103 5.57 -2.51 5.55
C THR A 103 4.21 -2.66 4.90
N MET A 104 3.39 -3.55 5.46
CA MET A 104 2.05 -3.74 4.92
C MET A 104 1.31 -2.47 5.31
N LEU A 105 1.52 -2.03 6.55
CA LEU A 105 0.81 -0.86 7.05
C LEU A 105 1.12 0.35 6.18
N SER A 106 2.40 0.48 5.81
CA SER A 106 2.82 1.58 4.97
CA SER A 106 2.81 1.60 4.98
C SER A 106 2.04 1.52 3.67
N GLY A 107 2.04 0.32 3.08
CA GLY A 107 1.38 0.12 1.81
C GLY A 107 -0.08 0.46 1.91
N ALA A 108 -0.67 0.22 3.08
CA ALA A 108 -2.11 0.39 3.20
C ALA A 108 -2.48 1.86 3.05
N ALA A 109 -1.51 2.75 3.34
CA ALA A 109 -1.78 4.17 3.23
C ALA A 109 -1.97 4.61 1.78
N LEU A 110 -1.54 3.74 0.85
CA LEU A 110 -1.55 4.07 -0.57
C LEU A 110 -2.73 3.43 -1.31
N MET A 111 -3.52 2.61 -0.61
CA MET A 111 -4.54 1.81 -1.26
C MET A 111 -5.90 2.49 -1.37
N ASP A 112 -6.55 2.33 -2.52
CA ASP A 112 -7.92 2.80 -2.72
C ASP A 112 -8.90 1.66 -2.46
N GLY A 113 -8.40 0.44 -2.53
CA GLY A 113 -9.19 -0.76 -2.32
C GLY A 113 -8.19 -1.88 -2.13
N ALA A 114 -8.67 -3.10 -1.92
CA ALA A 114 -7.76 -4.20 -1.64
C ALA A 114 -8.30 -5.57 -2.00
N ILE A 115 -7.36 -6.47 -2.24
CA ILE A 115 -7.63 -7.89 -2.38
C ILE A 115 -6.95 -8.60 -1.21
N LEU A 116 -7.74 -9.33 -0.42
CA LEU A 116 -7.18 -10.18 0.63
C LEU A 116 -7.05 -11.59 0.07
N VAL A 117 -5.83 -12.05 -0.10
CA VAL A 117 -5.58 -13.37 -0.64
C VAL A 117 -5.56 -14.42 0.47
N VAL A 118 -6.39 -15.44 0.31
CA VAL A 118 -6.48 -16.53 1.27
C VAL A 118 -6.21 -17.85 0.55
N ALA A 119 -5.17 -18.56 0.96
CA ALA A 119 -4.84 -19.84 0.33
C ALA A 119 -5.86 -20.91 0.70
N ALA A 120 -6.42 -21.56 -0.31
CA ALA A 120 -7.45 -22.58 -0.12
C ALA A 120 -6.91 -23.86 0.53
N ASN A 121 -5.60 -24.02 0.52
CA ASN A 121 -4.97 -25.23 1.05
C ASN A 121 -4.28 -25.02 2.39
N GLU A 122 -4.62 -23.95 3.08
CA GLU A 122 -4.10 -23.68 4.41
C GLU A 122 -5.26 -23.37 5.34
N PRO A 123 -5.13 -23.74 6.63
CA PRO A 123 -6.20 -23.50 7.61
C PRO A 123 -6.50 -22.01 7.79
N PHE A 124 -7.75 -21.64 7.59
CA PHE A 124 -8.21 -20.26 7.77
C PHE A 124 -8.82 -20.11 9.15
N PRO A 125 -8.61 -18.96 9.81
CA PRO A 125 -7.83 -17.79 9.36
C PRO A 125 -6.42 -17.72 9.96
N GLN A 126 -5.42 -17.65 9.10
CA GLN A 126 -4.02 -17.54 9.51
C GLN A 126 -3.74 -16.19 10.15
N PRO A 127 -2.69 -16.11 10.98
CA PRO A 127 -2.34 -14.87 11.69
C PRO A 127 -2.29 -13.60 10.85
N GLN A 128 -1.62 -13.61 9.70
CA GLN A 128 -1.55 -12.38 8.90
C GLN A 128 -2.76 -12.18 8.00
N THR A 129 -3.55 -13.23 7.79
CA THR A 129 -4.86 -13.05 7.17
C THR A 129 -5.65 -12.12 8.09
N ARG A 130 -5.65 -12.46 9.37
CA ARG A 130 -6.33 -11.68 10.40
C ARG A 130 -5.73 -10.28 10.53
N GLU A 131 -4.41 -10.22 10.66
CA GLU A 131 -3.75 -8.94 10.92
C GLU A 131 -3.94 -7.97 9.74
N HIS A 132 -3.77 -8.48 8.52
CA HIS A 132 -3.97 -7.63 7.35
C HIS A 132 -5.43 -7.21 7.20
N PHE A 133 -6.36 -8.14 7.44
CA PHE A 133 -7.78 -7.80 7.39
C PHE A 133 -8.13 -6.66 8.35
N VAL A 134 -7.73 -6.84 9.61
CA VAL A 134 -8.03 -5.86 10.65
C VAL A 134 -7.37 -4.51 10.32
N ALA A 135 -6.14 -4.55 9.83
CA ALA A 135 -5.45 -3.32 9.42
C ALA A 135 -6.21 -2.58 8.32
N LEU A 136 -6.67 -3.33 7.32
CA LEU A 136 -7.48 -2.74 6.25
C LEU A 136 -8.71 -2.07 6.84
N GLY A 137 -9.38 -2.76 7.76
CA GLY A 137 -10.56 -2.21 8.40
C GLY A 137 -10.28 -0.90 9.13
N ILE A 138 -9.19 -0.89 9.90
CA ILE A 138 -8.78 0.28 10.67
C ILE A 138 -8.47 1.47 9.78
N ILE A 139 -7.67 1.23 8.74
CA ILE A 139 -7.18 2.29 7.88
C ILE A 139 -8.28 2.82 6.95
N GLY A 140 -9.31 2.00 6.73
CA GLY A 140 -10.47 2.43 5.96
C GLY A 140 -10.47 1.93 4.53
N VAL A 141 -9.64 0.92 4.26
CA VAL A 141 -9.60 0.30 2.94
C VAL A 141 -10.67 -0.79 2.90
N LYS A 142 -11.93 -0.38 2.77
CA LYS A 142 -13.04 -1.31 2.92
C LYS A 142 -13.67 -1.74 1.60
N ASN A 143 -13.20 -1.19 0.49
CA ASN A 143 -13.56 -1.72 -0.81
C ASN A 143 -12.72 -2.96 -1.07
N LEU A 144 -13.19 -4.08 -0.54
CA LEU A 144 -12.39 -5.30 -0.44
C LEU A 144 -12.96 -6.44 -1.27
N ILE A 145 -12.07 -7.20 -1.88
CA ILE A 145 -12.42 -8.48 -2.48
C ILE A 145 -11.57 -9.54 -1.79
N ILE A 146 -12.20 -10.63 -1.35
CA ILE A 146 -11.44 -11.74 -0.81
C ILE A 146 -11.24 -12.75 -1.93
N VAL A 147 -9.99 -13.11 -2.18
CA VAL A 147 -9.69 -14.08 -3.22
C VAL A 147 -9.24 -15.39 -2.60
N GLN A 148 -9.96 -16.47 -2.90
CA GLN A 148 -9.53 -17.80 -2.52
C GLN A 148 -8.55 -18.28 -3.58
N ASN A 149 -7.27 -18.29 -3.24
CA ASN A 149 -6.22 -18.68 -4.17
C ASN A 149 -5.84 -20.14 -4.00
N LYS A 150 -5.12 -20.68 -4.98
CA LYS A 150 -4.64 -22.07 -4.96
C LYS A 150 -5.77 -23.09 -4.96
N VAL A 151 -6.91 -22.76 -5.56
CA VAL A 151 -8.02 -23.72 -5.59
C VAL A 151 -7.66 -24.93 -6.45
N ASP A 152 -6.64 -24.77 -7.28
CA ASP A 152 -6.19 -25.84 -8.17
C ASP A 152 -5.67 -27.08 -7.43
N VAL A 153 -5.26 -26.91 -6.18
CA VAL A 153 -4.73 -28.07 -5.43
C VAL A 153 -5.71 -28.70 -4.46
N VAL A 154 -6.93 -28.17 -4.39
CA VAL A 154 -7.96 -28.77 -3.54
C VAL A 154 -9.26 -29.02 -4.30
N SER A 155 -10.08 -29.93 -3.78
CA SER A 155 -11.36 -30.23 -4.39
C SER A 155 -12.30 -29.05 -4.23
N LYS A 156 -13.36 -29.04 -5.04
CA LYS A 156 -14.38 -28.00 -4.93
C LYS A 156 -15.00 -27.98 -3.54
N GLU A 157 -15.21 -29.15 -2.95
CA GLU A 157 -15.83 -29.23 -1.64
C GLU A 157 -14.95 -28.69 -0.51
N GLU A 158 -13.64 -28.92 -0.60
CA GLU A 158 -12.72 -28.37 0.40
C GLU A 158 -12.73 -26.83 0.33
N ALA A 159 -12.65 -26.33 -0.89
CA ALA A 159 -12.72 -24.89 -1.15
C ALA A 159 -14.02 -24.31 -0.60
N LEU A 160 -15.13 -25.03 -0.79
CA LEU A 160 -16.42 -24.57 -0.31
CA LEU A 160 -16.43 -24.57 -0.31
C LEU A 160 -16.50 -24.54 1.21
N SER A 161 -15.91 -25.55 1.85
CA SER A 161 -15.80 -25.58 3.31
CA SER A 161 -15.82 -25.57 3.30
C SER A 161 -15.09 -24.32 3.80
N GLN A 162 -13.94 -24.03 3.18
CA GLN A 162 -13.22 -22.83 3.55
C GLN A 162 -14.04 -21.55 3.29
N TYR A 163 -14.78 -21.53 2.18
CA TYR A 163 -15.65 -20.41 1.82
C TYR A 163 -16.62 -20.15 2.97
N ARG A 164 -17.23 -21.22 3.47
CA ARG A 164 -18.13 -21.11 4.60
C ARG A 164 -17.41 -20.51 5.80
N GLN A 165 -16.20 -20.97 6.07
CA GLN A 165 -15.42 -20.38 7.16
C GLN A 165 -15.19 -18.87 7.00
N ILE A 166 -14.91 -18.45 5.78
CA ILE A 166 -14.65 -17.04 5.50
C ILE A 166 -15.92 -16.21 5.72
N LYS A 167 -17.05 -16.74 5.26
CA LYS A 167 -18.33 -16.07 5.52
C LYS A 167 -18.59 -15.96 7.02
N GLN A 168 -18.30 -17.02 7.76
CA GLN A 168 -18.46 -16.98 9.22
C GLN A 168 -17.59 -15.89 9.85
N PHE A 169 -16.34 -15.82 9.39
CA PHE A 169 -15.39 -14.83 9.89
C PHE A 169 -15.86 -13.40 9.63
N THR A 170 -16.31 -13.14 8.40
CA THR A 170 -16.70 -11.78 8.04
C THR A 170 -18.08 -11.37 8.56
N LYS A 171 -18.90 -12.35 8.92
CA LYS A 171 -20.23 -12.06 9.45
C LYS A 171 -20.14 -11.22 10.71
N GLY A 172 -20.94 -10.16 10.77
CA GLY A 172 -20.95 -9.28 11.93
C GLY A 172 -19.91 -8.18 11.85
N THR A 173 -19.13 -8.18 10.78
CA THR A 173 -18.11 -7.15 10.57
C THR A 173 -18.48 -6.30 9.36
N TRP A 174 -17.69 -5.25 9.12
CA TRP A 174 -17.88 -4.37 7.97
C TRP A 174 -17.76 -5.13 6.66
N ALA A 175 -17.13 -6.30 6.70
CA ALA A 175 -16.86 -7.07 5.49
C ALA A 175 -17.87 -8.19 5.27
N GLU A 176 -18.98 -8.16 5.98
CA GLU A 176 -19.98 -9.23 5.91
C GLU A 176 -20.42 -9.59 4.49
N ASN A 177 -20.53 -8.60 3.63
CA ASN A 177 -21.00 -8.82 2.25
C ASN A 177 -19.90 -8.77 1.19
N VAL A 178 -18.64 -8.77 1.65
CA VAL A 178 -17.50 -8.78 0.73
C VAL A 178 -17.49 -10.06 -0.09
N PRO A 179 -17.29 -9.94 -1.41
CA PRO A 179 -17.30 -11.11 -2.29
C PRO A 179 -16.07 -11.99 -2.11
N ILE A 180 -16.26 -13.29 -2.28
CA ILE A 180 -15.17 -14.26 -2.27
C ILE A 180 -15.05 -14.88 -3.65
N ILE A 181 -13.91 -14.69 -4.29
CA ILE A 181 -13.71 -15.17 -5.65
C ILE A 181 -12.57 -16.18 -5.69
N PRO A 182 -12.88 -17.42 -6.12
CA PRO A 182 -11.87 -18.48 -6.17
C PRO A 182 -11.07 -18.47 -7.47
N VAL A 183 -9.75 -18.52 -7.36
CA VAL A 183 -8.88 -18.54 -8.54
C VAL A 183 -7.67 -19.43 -8.33
N SER A 184 -6.97 -19.71 -9.42
CA SER A 184 -5.60 -20.21 -9.35
C SER A 184 -4.70 -19.14 -9.95
N ALA A 185 -3.94 -18.45 -9.11
CA ALA A 185 -3.02 -17.44 -9.59
C ALA A 185 -1.91 -18.06 -10.43
N LEU A 186 -1.45 -19.24 -10.00
CA LEU A 186 -0.30 -19.89 -10.64
C LEU A 186 -0.64 -20.39 -12.03
N HIS A 187 -1.78 -21.07 -12.16
CA HIS A 187 -2.15 -21.68 -13.44
C HIS A 187 -3.16 -20.83 -14.19
N LYS A 188 -3.43 -19.64 -13.65
CA LYS A 188 -4.33 -18.67 -14.28
C LYS A 188 -5.72 -19.22 -14.58
N ILE A 189 -6.45 -19.53 -13.51
CA ILE A 189 -7.81 -20.04 -13.62
C ILE A 189 -8.81 -19.10 -12.94
N ASN A 190 -9.86 -18.76 -13.68
CA ASN A 190 -10.93 -17.87 -13.21
C ASN A 190 -10.48 -16.43 -12.97
N ILE A 191 -9.42 -16.00 -13.64
CA ILE A 191 -8.91 -14.64 -13.49
C ILE A 191 -9.90 -13.60 -14.01
N ASP A 192 -10.63 -13.97 -15.07
CA ASP A 192 -11.65 -13.09 -15.64
C ASP A 192 -12.69 -12.67 -14.60
N SER A 193 -13.11 -13.62 -13.78
CA SER A 193 -14.08 -13.33 -12.72
C SER A 193 -13.51 -12.34 -11.72
N LEU A 194 -12.20 -12.43 -11.47
CA LEU A 194 -11.54 -11.49 -10.59
C LEU A 194 -11.48 -10.09 -11.21
N ILE A 195 -11.22 -9.99 -12.51
CA ILE A 195 -11.24 -8.69 -13.19
CA ILE A 195 -11.24 -8.70 -13.17
C ILE A 195 -12.63 -8.08 -13.10
N GLU A 196 -13.65 -8.89 -13.37
CA GLU A 196 -15.04 -8.46 -13.27
C GLU A 196 -15.33 -7.94 -11.85
N GLY A 197 -14.85 -8.69 -10.87
CA GLY A 197 -15.02 -8.31 -9.48
C GLY A 197 -14.33 -7.00 -9.14
N ILE A 198 -13.16 -6.79 -9.70
CA ILE A 198 -12.41 -5.55 -9.49
C ILE A 198 -13.21 -4.39 -10.05
N GLU A 199 -13.76 -4.57 -11.25
CA GLU A 199 -14.59 -3.52 -11.83
C GLU A 199 -15.86 -3.24 -11.02
N GLU A 200 -16.43 -4.28 -10.42
CA GLU A 200 -17.68 -4.12 -9.67
C GLU A 200 -17.52 -3.54 -8.27
N TYR A 201 -16.50 -4.00 -7.54
CA TYR A 201 -16.38 -3.73 -6.11
C TYR A 201 -15.29 -2.72 -5.74
N ILE A 202 -14.39 -2.44 -6.67
CA ILE A 202 -13.36 -1.44 -6.41
C ILE A 202 -13.44 -0.32 -7.44
N LYS A 203 -14.48 0.50 -7.31
CA LYS A 203 -14.66 1.65 -8.18
C LYS A 203 -13.58 2.68 -7.92
N THR A 204 -13.21 3.41 -8.96
CA THR A 204 -12.27 4.51 -8.80
C THR A 204 -12.90 5.59 -7.93
N PRO A 205 -12.22 5.94 -6.83
CA PRO A 205 -12.75 6.93 -5.88
C PRO A 205 -12.81 8.33 -6.49
N TYR A 206 -13.72 9.15 -5.99
CA TYR A 206 -13.76 10.56 -6.36
C TYR A 206 -12.51 11.24 -5.83
N ARG A 207 -11.90 12.09 -6.65
CA ARG A 207 -10.71 12.83 -6.25
C ARG A 207 -10.99 14.33 -6.22
N ASP A 208 -10.79 14.95 -5.08
CA ASP A 208 -10.91 16.40 -4.95
C ASP A 208 -9.57 17.02 -5.33
N LEU A 209 -9.42 17.39 -6.60
CA LEU A 209 -8.14 17.91 -7.11
C LEU A 209 -7.81 19.31 -6.59
N SER A 210 -8.72 19.88 -5.79
CA SER A 210 -8.52 21.20 -5.23
C SER A 210 -7.74 21.14 -3.91
N GLN A 211 -7.73 19.97 -3.28
CA GLN A 211 -6.96 19.77 -2.04
C GLN A 211 -5.48 20.01 -2.31
N LYS A 212 -4.75 20.41 -1.28
CA LYS A 212 -3.32 20.64 -1.46
C LYS A 212 -2.62 19.34 -1.79
N PRO A 213 -1.67 19.38 -2.74
CA PRO A 213 -0.96 18.19 -3.18
C PRO A 213 -0.16 17.55 -2.05
N VAL A 214 -0.38 16.26 -1.82
CA VAL A 214 0.42 15.52 -0.86
C VAL A 214 0.78 14.16 -1.45
N MET A 215 2.06 13.82 -1.40
CA MET A 215 2.51 12.51 -1.86
C MET A 215 3.18 11.76 -0.70
N LEU A 216 2.82 10.50 -0.52
CA LEU A 216 3.49 9.66 0.48
C LEU A 216 4.62 8.91 -0.19
N VAL A 217 5.82 9.01 0.36
CA VAL A 217 7.02 8.45 -0.24
C VAL A 217 7.31 7.04 0.26
N ILE A 218 7.53 6.10 -0.66
CA ILE A 218 7.94 4.76 -0.28
C ILE A 218 9.24 4.31 -0.95
N ARG A 219 9.66 5.00 -2.01
CA ARG A 219 10.88 4.66 -2.72
C ARG A 219 11.72 5.90 -2.97
N SER A 220 13.03 5.71 -3.14
CA SER A 220 13.89 6.77 -3.66
C SER A 220 15.15 6.16 -4.25
N PHE A 221 15.63 6.73 -5.35
CA PHE A 221 16.69 6.11 -6.13
C PHE A 221 17.20 7.05 -7.22
N ASP A 222 18.01 6.51 -8.12
CA ASP A 222 18.46 7.26 -9.30
C ASP A 222 18.75 6.29 -10.45
N VAL A 223 18.67 6.78 -11.68
CA VAL A 223 18.73 5.93 -12.86
C VAL A 223 20.16 5.78 -13.41
N ASN A 224 21.08 6.61 -12.93
CA ASN A 224 22.45 6.63 -13.42
C ASN A 224 23.15 5.27 -13.51
N LYS A 225 23.53 4.90 -14.72
CA LYS A 225 24.30 3.68 -14.95
C LYS A 225 25.68 3.79 -14.31
N PRO A 226 26.24 2.67 -13.86
CA PRO A 226 27.57 2.63 -13.25
C PRO A 226 28.64 3.23 -14.15
N GLY A 227 29.64 3.89 -13.56
CA GLY A 227 30.72 4.48 -14.32
C GLY A 227 30.36 5.84 -14.90
N THR A 228 29.39 6.51 -14.28
CA THR A 228 28.96 7.83 -14.74
C THR A 228 29.69 8.94 -13.98
N GLN A 229 30.15 9.94 -14.73
CA GLN A 229 30.77 11.12 -14.14
C GLN A 229 29.83 11.76 -13.13
N PHE A 230 30.37 12.19 -11.99
CA PHE A 230 29.55 12.82 -10.96
C PHE A 230 28.89 14.10 -11.47
N ASN A 231 29.68 14.95 -12.11
CA ASN A 231 29.20 16.26 -12.55
C ASN A 231 28.12 16.18 -13.64
N GLU A 232 27.81 14.96 -14.09
CA GLU A 232 26.76 14.76 -15.08
C GLU A 232 25.82 13.62 -14.69
N LEU A 233 25.74 13.33 -13.40
CA LEU A 233 24.76 12.39 -12.89
C LEU A 233 23.38 13.01 -13.00
N LYS A 234 22.38 12.19 -13.29
CA LYS A 234 21.00 12.68 -13.30
C LYS A 234 20.52 12.79 -11.85
N GLY A 235 19.59 13.71 -11.62
CA GLY A 235 19.10 13.97 -10.28
C GLY A 235 18.35 12.81 -9.65
N GLY A 236 18.23 12.84 -8.33
CA GLY A 236 17.55 11.79 -7.60
C GLY A 236 16.08 11.68 -7.93
N VAL A 237 15.53 10.48 -7.76
CA VAL A 237 14.13 10.23 -8.05
C VAL A 237 13.43 9.79 -6.78
N ILE A 238 12.21 10.29 -6.57
CA ILE A 238 11.44 9.96 -5.39
C ILE A 238 10.13 9.27 -5.81
N GLY A 239 9.92 8.06 -5.32
CA GLY A 239 8.74 7.29 -5.68
C GLY A 239 7.73 7.18 -4.57
N GLY A 240 6.45 7.25 -4.94
CA GLY A 240 5.39 7.15 -3.97
C GLY A 240 4.02 7.29 -4.61
N SER A 241 3.02 7.53 -3.79
CA SER A 241 1.66 7.68 -4.29
CA SER A 241 1.65 7.67 -4.27
C SER A 241 1.05 9.00 -3.84
N ILE A 242 0.41 9.69 -4.76
CA ILE A 242 -0.25 10.94 -4.44
C ILE A 242 -1.59 10.64 -3.81
N ILE A 243 -1.78 11.09 -2.57
CA ILE A 243 -3.00 10.76 -1.83
C ILE A 243 -4.05 11.86 -1.95
N GLN A 244 -3.62 13.06 -2.34
CA GLN A 244 -4.54 14.14 -2.59
C GLN A 244 -3.92 15.22 -3.47
N GLY A 245 -4.77 15.90 -4.24
CA GLY A 245 -4.31 16.94 -5.14
C GLY A 245 -3.58 16.35 -6.32
N LEU A 246 -2.71 17.15 -6.93
CA LEU A 246 -1.90 16.69 -8.04
C LEU A 246 -0.61 17.47 -8.15
N PHE A 247 0.41 16.86 -8.74
CA PHE A 247 1.70 17.52 -8.93
C PHE A 247 1.96 17.71 -10.41
N LYS A 248 2.79 18.70 -10.74
CA LYS A 248 3.08 19.01 -12.13
C LYS A 248 4.57 19.23 -12.32
N VAL A 249 5.08 18.92 -13.52
CA VAL A 249 6.48 19.16 -13.83
C VAL A 249 6.83 20.64 -13.60
N ASP A 250 8.03 20.86 -13.06
CA ASP A 250 8.56 22.20 -12.75
C ASP A 250 8.01 22.84 -11.47
N GLN A 251 7.13 22.14 -10.76
CA GLN A 251 6.67 22.64 -9.48
C GLN A 251 7.78 22.62 -8.43
N GLU A 252 7.81 23.66 -7.60
CA GLU A 252 8.72 23.70 -6.46
C GLU A 252 8.11 22.90 -5.33
N ILE A 253 8.85 21.89 -4.87
CA ILE A 253 8.35 20.99 -3.83
C ILE A 253 9.30 20.90 -2.65
N LYS A 254 8.82 20.29 -1.58
CA LYS A 254 9.67 19.97 -0.44
C LYS A 254 9.35 18.59 0.11
N VAL A 255 10.41 17.96 0.63
CA VAL A 255 10.34 16.66 1.27
C VAL A 255 10.38 16.90 2.77
N LEU A 256 9.38 16.35 3.47
CA LEU A 256 9.25 16.49 4.91
C LEU A 256 9.21 15.11 5.57
N PRO A 257 9.79 14.99 6.78
CA PRO A 257 10.49 16.01 7.57
C PRO A 257 11.76 16.50 6.88
N GLY A 258 12.31 15.67 6.00
CA GLY A 258 13.46 16.06 5.19
C GLY A 258 14.73 15.31 5.50
N LEU A 259 15.80 16.08 5.66
CA LEU A 259 17.15 15.56 5.79
C LEU A 259 17.61 15.59 7.24
N ARG A 260 18.29 14.51 7.64
CA ARG A 260 18.89 14.39 8.96
C ARG A 260 20.16 15.23 9.00
N VAL A 261 20.21 16.17 9.94
CA VAL A 261 21.34 17.08 10.06
C VAL A 261 22.08 16.82 11.37
N GLU A 262 23.40 16.65 11.27
CA GLU A 262 24.24 16.37 12.44
C GLU A 262 25.13 17.55 12.76
N LYS A 263 25.00 18.05 13.99
CA LYS A 263 25.83 19.15 14.46
C LYS A 263 26.58 18.71 15.72
N GLN A 264 27.69 18.00 15.52
CA GLN A 264 28.48 17.42 16.60
C GLN A 264 27.63 16.60 17.57
N GLY A 265 27.12 15.47 17.10
CA GLY A 265 26.32 14.59 17.92
C GLY A 265 24.84 14.93 17.86
N LYS A 266 24.53 16.22 17.92
CA LYS A 266 23.15 16.69 17.88
C LYS A 266 22.49 16.41 16.53
N VAL A 267 21.28 15.87 16.56
CA VAL A 267 20.57 15.49 15.33
C VAL A 267 19.24 16.23 15.21
N SER A 268 19.06 16.90 14.07
CA SER A 268 17.79 17.59 13.78
C SER A 268 17.34 17.24 12.37
N TYR A 269 16.21 17.81 11.94
CA TYR A 269 15.73 17.58 10.58
C TYR A 269 15.40 18.88 9.85
N GLU A 270 15.81 18.99 8.60
CA GLU A 270 15.52 20.17 7.81
C GLU A 270 14.86 19.79 6.49
N PRO A 271 13.78 20.50 6.10
CA PRO A 271 13.05 20.19 4.87
C PRO A 271 13.98 20.16 3.67
N ILE A 272 13.71 19.26 2.72
CA ILE A 272 14.51 19.21 1.51
C ILE A 272 13.76 19.90 0.38
N PHE A 273 14.25 21.05 -0.06
CA PHE A 273 13.60 21.76 -1.16
C PHE A 273 14.17 21.35 -2.50
N THR A 274 13.30 21.10 -3.46
CA THR A 274 13.74 20.78 -4.81
C THR A 274 12.67 21.12 -5.84
N LYS A 275 12.91 20.73 -7.08
CA LYS A 275 12.01 21.06 -8.18
C LYS A 275 11.75 19.80 -8.98
N ILE A 276 10.50 19.62 -9.40
CA ILE A 276 10.15 18.44 -10.20
C ILE A 276 10.69 18.57 -11.61
N SER A 277 11.63 17.71 -11.97
CA SER A 277 12.21 17.75 -13.30
C SER A 277 11.51 16.75 -14.23
N SER A 278 10.93 15.71 -13.66
CA SER A 278 10.17 14.75 -14.47
C SER A 278 9.09 14.01 -13.70
N ILE A 279 8.15 13.42 -14.43
CA ILE A 279 7.08 12.62 -13.84
C ILE A 279 6.87 11.36 -14.66
N ARG A 280 6.95 10.21 -14.00
CA ARG A 280 6.80 8.94 -14.70
C ARG A 280 5.90 7.96 -13.95
N PHE A 281 5.05 7.26 -14.68
CA PHE A 281 4.33 6.11 -14.12
C PHE A 281 4.77 4.89 -14.92
N GLY A 282 5.46 3.96 -14.26
CA GLY A 282 5.96 2.79 -14.94
C GLY A 282 6.95 3.14 -16.04
N ASP A 283 6.56 2.90 -17.29
CA ASP A 283 7.43 3.19 -18.42
C ASP A 283 6.97 4.41 -19.21
N GLU A 284 6.02 5.15 -18.68
CA GLU A 284 5.46 6.30 -19.39
C GLU A 284 5.69 7.63 -18.69
N GLU A 285 6.01 8.65 -19.48
CA GLU A 285 6.20 10.00 -18.94
C GLU A 285 4.93 10.82 -19.03
N PHE A 286 4.72 11.68 -18.04
CA PHE A 286 3.56 12.58 -18.05
C PHE A 286 3.98 13.97 -17.59
N LYS A 287 3.09 14.94 -17.79
CA LYS A 287 3.36 16.31 -17.37
C LYS A 287 2.73 16.61 -16.01
N GLU A 288 1.82 15.74 -15.60
CA GLU A 288 1.21 15.85 -14.28
C GLU A 288 0.93 14.48 -13.69
N ALA A 289 0.76 14.44 -12.37
CA ALA A 289 0.54 13.20 -11.65
C ALA A 289 -0.58 13.38 -10.63
N LYS A 290 -1.50 12.42 -10.64
CA LYS A 290 -2.71 12.47 -9.82
C LYS A 290 -2.76 11.23 -8.94
N PRO A 291 -3.72 11.16 -8.00
CA PRO A 291 -3.87 9.94 -7.20
C PRO A 291 -4.08 8.71 -8.07
N GLY A 292 -3.71 7.55 -7.53
CA GLY A 292 -3.73 6.31 -8.28
C GLY A 292 -2.36 6.07 -8.86
N GLY A 293 -1.87 4.86 -8.73
CA GLY A 293 -0.57 4.50 -9.27
C GLY A 293 0.59 4.91 -8.37
N LEU A 294 1.75 4.37 -8.66
CA LEU A 294 2.98 4.75 -7.99
C LEU A 294 3.76 5.62 -8.94
N VAL A 295 4.02 6.86 -8.55
CA VAL A 295 4.68 7.82 -9.43
C VAL A 295 6.16 7.95 -9.07
N ALA A 296 6.98 8.13 -10.10
CA ALA A 296 8.39 8.45 -9.95
C ALA A 296 8.57 9.93 -10.28
N ILE A 297 8.92 10.70 -9.25
CA ILE A 297 9.15 12.14 -9.36
C ILE A 297 10.64 12.40 -9.51
N GLY A 298 11.04 12.82 -10.70
CA GLY A 298 12.42 13.19 -10.97
C GLY A 298 12.60 14.55 -10.34
N THR A 299 13.83 14.81 -9.86
CA THR A 299 14.16 16.03 -9.13
C THR A 299 15.57 16.47 -9.52
N TYR A 300 16.00 17.60 -8.97
CA TYR A 300 17.36 18.08 -9.15
C TYR A 300 18.24 17.72 -7.96
N LEU A 301 17.76 16.84 -7.10
CA LEU A 301 18.51 16.44 -5.91
C LEU A 301 19.76 15.62 -6.24
N ASP A 302 20.80 15.84 -5.45
CA ASP A 302 21.97 14.99 -5.48
C ASP A 302 21.52 13.56 -5.20
N PRO A 303 21.91 12.61 -6.07
CA PRO A 303 21.51 11.20 -5.96
C PRO A 303 21.86 10.57 -4.61
N SER A 304 22.86 11.13 -3.94
CA SER A 304 23.26 10.64 -2.62
C SER A 304 22.14 10.81 -1.60
N LEU A 305 21.30 11.83 -1.80
CA LEU A 305 20.20 12.10 -0.89
C LEU A 305 19.05 11.11 -1.06
N THR A 306 18.93 10.54 -2.25
CA THR A 306 17.81 9.64 -2.57
C THR A 306 18.21 8.17 -2.59
N LYS A 307 19.51 7.90 -2.55
CA LYS A 307 20.03 6.53 -2.65
C LYS A 307 19.37 5.51 -1.71
N ALA A 308 19.04 4.35 -2.26
CA ALA A 308 18.59 3.18 -1.48
C ALA A 308 17.35 3.41 -0.62
N ASP A 309 16.33 4.05 -1.21
CA ASP A 309 15.06 4.30 -0.53
C ASP A 309 15.24 5.08 0.78
N ASN A 310 16.25 5.96 0.80
CA ASN A 310 16.57 6.78 1.96
C ASN A 310 15.39 7.61 2.47
N LEU A 311 14.52 8.01 1.55
CA LEU A 311 13.43 8.92 1.88
C LEU A 311 12.11 8.22 2.21
N LEU A 312 12.14 6.89 2.35
CA LEU A 312 10.95 6.14 2.74
C LEU A 312 10.32 6.73 4.00
N GLY A 313 9.01 6.97 3.96
CA GLY A 313 8.29 7.50 5.10
C GLY A 313 8.10 9.00 5.03
N SER A 314 8.84 9.66 4.15
CA SER A 314 8.70 11.10 3.97
C SER A 314 7.40 11.40 3.24
N ILE A 315 7.03 12.68 3.24
CA ILE A 315 5.98 13.14 2.33
C ILE A 315 6.55 14.25 1.45
N ILE A 316 5.90 14.49 0.33
CA ILE A 316 6.25 15.59 -0.54
C ILE A 316 5.05 16.51 -0.65
N THR A 317 5.28 17.81 -0.49
CA THR A 317 4.23 18.80 -0.71
C THR A 317 4.80 19.92 -1.58
N LEU A 318 3.95 20.88 -1.94
CA LEU A 318 4.44 22.08 -2.61
C LEU A 318 5.29 22.86 -1.61
N ALA A 319 6.24 23.64 -2.13
CA ALA A 319 7.24 24.30 -1.30
C ALA A 319 6.65 25.22 -0.24
N ASP A 320 5.51 25.86 -0.54
CA ASP A 320 4.94 26.84 0.37
C ASP A 320 3.83 26.27 1.27
N ALA A 321 3.62 24.96 1.22
CA ALA A 321 2.59 24.34 2.05
C ALA A 321 2.95 24.45 3.53
N GLU A 322 1.93 24.64 4.36
CA GLU A 322 2.13 24.67 5.80
C GLU A 322 1.84 23.29 6.38
N VAL A 323 2.89 22.61 6.82
CA VAL A 323 2.76 21.25 7.32
C VAL A 323 3.51 21.06 8.64
N PRO A 324 2.78 20.70 9.70
CA PRO A 324 3.42 20.39 10.98
C PRO A 324 4.38 19.21 10.86
N VAL A 325 5.61 19.42 11.31
CA VAL A 325 6.60 18.34 11.43
C VAL A 325 6.84 18.15 12.92
N LEU A 326 6.32 17.06 13.47
CA LEU A 326 6.18 16.92 14.92
C LEU A 326 7.12 15.88 15.54
N TRP A 327 7.74 16.28 16.66
CA TRP A 327 8.58 15.40 17.46
C TRP A 327 7.80 14.88 18.66
N ASN A 328 6.59 15.42 18.85
CA ASN A 328 5.68 14.96 19.89
C ASN A 328 4.28 14.95 19.31
N ILE A 329 3.52 13.90 19.58
CA ILE A 329 2.16 13.84 19.09
C ILE A 329 1.14 13.38 20.13
N ARG A 330 -0.08 13.86 19.99
CA ARG A 330 -1.18 13.43 20.82
C ARG A 330 -2.12 12.60 19.95
N ILE A 331 -2.51 11.44 20.45
CA ILE A 331 -3.32 10.50 19.67
C ILE A 331 -4.58 10.11 20.41
N LYS A 332 -5.73 10.27 19.75
CA LYS A 332 -6.98 9.78 20.30
C LYS A 332 -7.10 8.32 19.87
N TYR A 333 -6.94 7.40 20.82
CA TYR A 333 -6.69 6.01 20.46
C TYR A 333 -7.75 5.01 20.92
N ASN A 334 -7.72 3.85 20.28
CA ASN A 334 -8.50 2.70 20.72
CA ASN A 334 -8.51 2.70 20.69
C ASN A 334 -7.68 1.44 20.50
N LEU A 335 -7.70 0.56 21.50
CA LEU A 335 -6.95 -0.68 21.42
C LEU A 335 -7.82 -1.82 20.96
N LEU A 336 -7.21 -2.75 20.22
CA LEU A 336 -7.87 -4.00 19.87
C LEU A 336 -8.01 -4.81 21.15
N GLU A 337 -8.96 -5.74 21.17
CA GLU A 337 -9.13 -6.61 22.31
C GLU A 337 -7.99 -7.61 22.40
N ARG A 338 -7.59 -8.14 21.25
CA ARG A 338 -6.56 -9.18 21.20
C ARG A 338 -5.49 -8.85 20.16
N VAL A 339 -4.31 -9.43 20.36
CA VAL A 339 -3.21 -9.28 19.41
C VAL A 339 -3.45 -10.24 18.24
N VAL A 340 -4.17 -9.75 17.23
CA VAL A 340 -4.69 -10.61 16.18
C VAL A 340 -3.62 -11.29 15.33
N GLY A 341 -2.44 -10.68 15.26
CA GLY A 341 -1.37 -11.19 14.42
C GLY A 341 -0.48 -12.22 15.08
N ALA A 342 -0.71 -12.49 16.36
CA ALA A 342 0.07 -13.48 17.09
C ALA A 342 -0.44 -14.89 16.85
N LYS A 343 0.46 -15.86 16.87
CA LYS A 343 0.09 -17.27 16.66
C LYS A 343 -0.76 -17.77 17.82
N GLU A 344 -0.31 -17.53 19.04
CA GLU A 344 -1.08 -17.88 20.22
C GLU A 344 -1.87 -16.68 20.69
N MET A 345 -3.12 -16.90 21.09
CA MET A 345 -4.01 -15.82 21.49
C MET A 345 -3.43 -15.02 22.66
N LEU A 346 -3.42 -13.70 22.50
CA LEU A 346 -2.92 -12.79 23.52
C LEU A 346 -3.87 -11.62 23.68
N LYS A 347 -4.18 -11.26 24.91
CA LYS A 347 -4.96 -10.05 25.15
C LYS A 347 -4.03 -8.84 25.05
N VAL A 348 -4.56 -7.73 24.56
CA VAL A 348 -3.79 -6.50 24.48
C VAL A 348 -3.77 -5.81 25.85
N ASP A 349 -2.58 -5.64 26.41
CA ASP A 349 -2.43 -4.91 27.67
C ASP A 349 -2.66 -3.43 27.43
N PRO A 350 -3.19 -2.72 28.45
CA PRO A 350 -3.34 -1.27 28.35
C PRO A 350 -2.00 -0.60 28.10
N ILE A 351 -2.03 0.57 27.47
CA ILE A 351 -0.81 1.33 27.25
C ILE A 351 -0.27 1.85 28.57
N ARG A 352 1.03 1.68 28.79
CA ARG A 352 1.67 2.14 30.01
C ARG A 352 2.63 3.28 29.71
N ALA A 353 2.75 4.23 30.64
CA ALA A 353 3.71 5.30 30.51
C ALA A 353 5.12 4.74 30.41
N LYS A 354 5.95 5.41 29.61
CA LYS A 354 7.36 5.07 29.40
C LYS A 354 7.61 3.89 28.46
N GLU A 355 6.56 3.21 28.02
CA GLU A 355 6.77 2.11 27.09
C GLU A 355 7.02 2.66 25.69
N THR A 356 7.74 1.90 24.88
CA THR A 356 8.03 2.29 23.51
C THR A 356 6.98 1.69 22.58
N LEU A 357 6.35 2.53 21.78
CA LEU A 357 5.38 2.08 20.80
C LEU A 357 5.86 2.39 19.39
N MET A 358 5.34 1.64 18.43
CA MET A 358 5.62 1.89 17.03
C MET A 358 4.39 2.54 16.40
N LEU A 359 4.58 3.66 15.72
CA LEU A 359 3.49 4.39 15.12
CA LEU A 359 3.48 4.37 15.10
C LEU A 359 3.61 4.38 13.60
N SER A 360 2.55 3.94 12.94
CA SER A 360 2.46 4.00 11.49
CA SER A 360 2.46 4.00 11.49
C SER A 360 1.59 5.19 11.10
N VAL A 361 2.21 6.15 10.42
CA VAL A 361 1.52 7.35 9.98
C VAL A 361 1.86 7.58 8.51
N GLY A 362 0.85 7.52 7.65
CA GLY A 362 1.09 7.56 6.22
C GLY A 362 1.99 6.41 5.83
N SER A 363 3.09 6.71 5.17
CA SER A 363 4.05 5.67 4.77
C SER A 363 5.18 5.54 5.79
N SER A 364 5.11 6.32 6.86
CA SER A 364 6.18 6.35 7.84
C SER A 364 5.98 5.37 9.00
N THR A 365 7.09 4.94 9.57
CA THR A 365 7.08 4.05 10.73
C THR A 365 8.08 4.61 11.74
N THR A 366 7.60 4.94 12.94
CA THR A 366 8.44 5.63 13.90
C THR A 366 8.24 5.13 15.32
N LEU A 367 9.33 4.94 16.04
CA LEU A 367 9.24 4.55 17.45
C LEU A 367 9.10 5.79 18.32
N GLY A 368 8.36 5.66 19.42
CA GLY A 368 8.19 6.76 20.35
C GLY A 368 7.96 6.27 21.76
N ILE A 369 8.22 7.14 22.74
CA ILE A 369 8.01 6.82 24.13
C ILE A 369 6.72 7.46 24.64
N VAL A 370 5.88 6.68 25.31
CA VAL A 370 4.64 7.21 25.85
C VAL A 370 4.92 8.12 27.05
N THR A 371 4.51 9.37 26.95
CA THR A 371 4.74 10.36 28.00
C THR A 371 3.47 10.66 28.80
N SER A 372 2.33 10.23 28.27
CA SER A 372 1.05 10.40 28.96
C SER A 372 0.01 9.37 28.52
N VAL A 373 -0.70 8.81 29.49
CA VAL A 373 -1.78 7.86 29.20
C VAL A 373 -3.09 8.31 29.84
N LYS A 374 -4.12 8.44 29.02
CA LYS A 374 -5.48 8.66 29.50
C LYS A 374 -6.37 7.59 28.87
N LYS A 375 -7.65 7.61 29.19
CA LYS A 375 -8.57 6.60 28.67
C LYS A 375 -8.66 6.62 27.15
N ASP A 376 -8.78 7.82 26.57
CA ASP A 376 -8.99 7.96 25.14
C ASP A 376 -7.81 8.60 24.42
N GLU A 377 -6.83 9.08 25.16
CA GLU A 377 -5.70 9.80 24.56
C GLU A 377 -4.35 9.39 25.11
N ILE A 378 -3.36 9.31 24.23
CA ILE A 378 -1.98 9.16 24.67
C ILE A 378 -1.12 10.28 24.07
N GLU A 379 0.00 10.55 24.70
CA GLU A 379 0.96 11.50 24.16
C GLU A 379 2.29 10.77 24.00
N VAL A 380 2.98 11.04 22.90
CA VAL A 380 4.17 10.29 22.53
C VAL A 380 5.31 11.20 22.10
N GLU A 381 6.49 10.94 22.66
CA GLU A 381 7.73 11.60 22.30
C GLU A 381 8.44 10.77 21.23
N LEU A 382 8.51 11.29 20.01
CA LEU A 382 9.01 10.52 18.87
C LEU A 382 10.53 10.54 18.73
N ARG A 383 11.09 9.40 18.32
CA ARG A 383 12.53 9.28 18.15
C ARG A 383 13.00 10.05 16.91
N ARG A 384 12.10 10.18 15.94
CA ARG A 384 12.31 11.00 14.75
C ARG A 384 10.99 11.70 14.44
N PRO A 385 11.03 12.87 13.81
CA PRO A 385 9.79 13.63 13.60
C PRO A 385 8.94 13.05 12.48
N VAL A 386 7.64 13.36 12.52
CA VAL A 386 6.68 12.87 11.54
C VAL A 386 5.92 14.04 10.94
N ALA A 387 5.74 14.03 9.62
CA ALA A 387 4.97 15.06 8.95
C ALA A 387 3.48 14.74 9.02
N VAL A 388 2.70 15.68 9.55
CA VAL A 388 1.26 15.49 9.72
C VAL A 388 0.51 16.51 8.87
N TRP A 389 0.07 16.05 7.69
CA TRP A 389 -0.40 16.95 6.64
C TRP A 389 -1.89 17.29 6.72
N SER A 390 -2.60 16.72 7.68
CA SER A 390 -4.03 16.95 7.81
C SER A 390 -4.48 16.75 9.26
N ASN A 391 -5.73 17.10 9.54
CA ASN A 391 -6.25 17.05 10.91
C ASN A 391 -6.89 15.72 11.30
N ASN A 392 -7.12 14.83 10.34
CA ASN A 392 -7.80 13.58 10.62
C ASN A 392 -7.02 12.33 10.20
N ILE A 393 -5.71 12.35 10.42
CA ILE A 393 -4.86 11.25 9.99
C ILE A 393 -4.90 10.08 10.95
N ARG A 394 -5.17 8.89 10.43
CA ARG A 394 -5.21 7.69 11.25
C ARG A 394 -3.82 7.09 11.41
N THR A 395 -3.48 6.74 12.64
CA THR A 395 -2.22 6.06 12.90
C THR A 395 -2.49 4.65 13.38
N VAL A 396 -1.59 3.73 13.05
CA VAL A 396 -1.70 2.37 13.58
C VAL A 396 -0.62 2.16 14.63
N ILE A 397 -1.03 1.61 15.78
CA ILE A 397 -0.13 1.44 16.92
C ILE A 397 0.31 -0.01 17.04
N SER A 398 1.63 -0.23 17.13
CA SER A 398 2.17 -1.56 17.34
C SER A 398 3.02 -1.61 18.61
N ARG A 399 3.08 -2.79 19.20
CA ARG A 399 3.86 -3.03 20.41
C ARG A 399 4.77 -4.22 20.17
N GLN A 400 5.98 -4.16 20.73
CA GLN A 400 6.90 -5.29 20.61
C GLN A 400 6.56 -6.33 21.67
N ILE A 401 6.12 -7.50 21.20
CA ILE A 401 5.71 -8.59 22.06
C ILE A 401 6.53 -9.82 21.71
N ALA A 402 7.25 -10.36 22.69
CA ALA A 402 8.14 -11.49 22.48
C ALA A 402 9.10 -11.25 21.32
N GLY A 403 9.54 -10.00 21.17
CA GLY A 403 10.51 -9.64 20.15
C GLY A 403 9.91 -9.35 18.78
N ARG A 404 8.58 -9.36 18.69
CA ARG A 404 7.91 -9.13 17.41
C ARG A 404 6.96 -7.95 17.47
N TRP A 405 7.07 -7.04 16.50
CA TRP A 405 6.17 -5.89 16.45
C TRP A 405 4.79 -6.29 15.95
N ARG A 406 3.80 -6.16 16.82
CA ARG A 406 2.43 -6.57 16.52
C ARG A 406 1.48 -5.40 16.62
N MET A 407 0.55 -5.30 15.67
CA MET A 407 -0.50 -4.30 15.72
C MET A 407 -1.40 -4.53 16.94
N ILE A 408 -1.61 -3.48 17.74
CA ILE A 408 -2.44 -3.60 18.94
C ILE A 408 -3.56 -2.57 19.02
N GLY A 409 -3.53 -1.58 18.14
CA GLY A 409 -4.56 -0.55 18.18
C GLY A 409 -4.38 0.51 17.12
N TRP A 410 -5.13 1.59 17.24
CA TRP A 410 -5.08 2.66 16.26
C TRP A 410 -5.52 3.96 16.89
N GLY A 411 -5.44 5.04 16.13
CA GLY A 411 -5.87 6.32 16.64
C GLY A 411 -5.92 7.41 15.60
N LEU A 412 -6.38 8.59 16.02
CA LEU A 412 -6.35 9.77 15.20
C LEU A 412 -5.28 10.70 15.74
N VAL A 413 -4.41 11.18 14.86
CA VAL A 413 -3.40 12.16 15.27
C VAL A 413 -4.08 13.51 15.45
N GLU A 414 -4.04 14.01 16.68
CA GLU A 414 -4.71 15.26 17.04
CA GLU A 414 -4.71 15.25 17.01
C GLU A 414 -3.81 16.48 16.84
N ILE A 415 -4.28 17.42 16.05
CA ILE A 415 -3.56 18.66 15.77
C ILE A 415 -3.98 19.74 16.76
#